data_8YJ9
#
_entry.id   8YJ9
#
_cell.length_a   61.882
_cell.length_b   86.627
_cell.length_c   88.680
_cell.angle_alpha   90.00
_cell.angle_beta   90.00
_cell.angle_gamma   90.00
#
_symmetry.space_group_name_H-M   'I 2 2 2'
#
loop_
_entity.id
_entity.type
_entity.pdbx_description
1 polymer Concanavalin-Br
2 non-polymer GLYCEROL
3 non-polymer L-ribose
4 non-polymer 'CALCIUM ION'
5 non-polymer 'MANGANESE (II) ION'
6 non-polymer 'SULFATE ION'
7 water water
#
_entity_poly.entity_id   1
_entity_poly.type   'polypeptide(L)'
_entity_poly.pdbx_seq_one_letter_code
;ADTIVAVELDTYPNTDIGDPSYPHIGIDIKSVRSKKTAKWNMQNGKVGTAHIIYNSVDKRLSAVVSYPNADSATVSYDVD
LDNVLPEWVRVGLSASTGLYKETNTILSWSFTSKLKSNSTHETNALHFMFNQFSKDQKDLILQGDATTGTDGNLELTRVS
SNGSPQGSSVGRALFYAPVHIWESSAVVASFEATFTFLIKSPDSHPADGIAFFISNIDSSIPSGSTGRLLGLFPDAN
;
_entity_poly.pdbx_strand_id   A
#
loop_
_chem_comp.id
_chem_comp.type
_chem_comp.name
_chem_comp.formula
CA non-polymer 'CALCIUM ION' 'Ca 2'
GOL non-polymer GLYCEROL 'C3 H8 O3'
MN non-polymer 'MANGANESE (II) ION' 'Mn 2'
ROR L-saccharide L-ribose 'C5 H10 O5'
SO4 non-polymer 'SULFATE ION' 'O4 S -2'
#
# COMPACT_ATOMS: atom_id res chain seq x y z
N ALA A 1 17.31 -1.15 -9.29
CA ALA A 1 16.24 -1.76 -8.46
C ALA A 1 14.88 -1.32 -8.98
N ASP A 2 13.80 -1.82 -8.35
CA ASP A 2 12.46 -1.33 -8.66
C ASP A 2 12.42 0.15 -8.29
N THR A 3 11.50 0.89 -8.92
CA THR A 3 11.14 2.25 -8.50
C THR A 3 9.82 2.20 -7.74
N ILE A 4 9.82 2.66 -6.49
CA ILE A 4 8.66 2.46 -5.62
C ILE A 4 8.16 3.80 -5.08
N VAL A 5 6.85 4.01 -5.15
CA VAL A 5 6.17 5.07 -4.44
C VAL A 5 5.13 4.38 -3.54
N ALA A 6 5.10 4.74 -2.26
CA ALA A 6 4.20 4.04 -1.35
C ALA A 6 3.66 4.94 -0.23
N VAL A 7 2.46 4.58 0.24
CA VAL A 7 1.89 5.08 1.47
C VAL A 7 1.93 3.94 2.48
N GLU A 8 2.68 4.14 3.56
CA GLU A 8 2.89 3.07 4.52
C GLU A 8 2.05 3.29 5.78
N LEU A 9 1.47 2.17 6.24
CA LEU A 9 0.81 2.03 7.52
C LEU A 9 1.78 1.23 8.38
N ASP A 10 2.73 1.93 9.00
CA ASP A 10 3.86 1.31 9.69
C ASP A 10 3.54 1.08 11.18
N THR A 11 3.43 -0.19 11.56
CA THR A 11 2.93 -0.53 12.90
C THR A 11 4.06 -0.63 13.94
N TYR A 12 5.32 -0.67 13.49
CA TYR A 12 6.42 -0.86 14.41
C TYR A 12 7.48 0.23 14.22
N PRO A 13 7.84 0.96 15.30
CA PRO A 13 8.82 2.04 15.19
C PRO A 13 10.24 1.52 15.11
N ASN A 14 10.83 1.59 13.92
CA ASN A 14 12.25 1.35 13.74
C ASN A 14 12.97 2.70 13.69
N THR A 15 13.29 3.24 14.87
CA THR A 15 13.78 4.60 15.01
C THR A 15 15.20 4.73 14.45
N ASP A 16 15.92 3.61 14.36
CA ASP A 16 17.25 3.61 13.76
C ASP A 16 17.20 3.95 12.26
N ILE A 17 16.08 3.68 11.57
CA ILE A 17 15.94 4.07 10.16
C ILE A 17 14.95 5.24 9.99
N GLY A 18 14.83 6.08 11.03
CA GLY A 18 14.11 7.34 10.93
C GLY A 18 12.60 7.27 11.22
N ASP A 19 12.05 6.09 11.57
CA ASP A 19 10.66 6.05 12.01
C ASP A 19 10.51 6.89 13.26
N PRO A 20 9.38 7.63 13.43
CA PRO A 20 9.05 8.18 14.76
C PRO A 20 8.83 7.06 15.78
N SER A 21 8.81 7.51 17.01
CA SER A 21 8.75 6.50 18.07
C SER A 21 7.30 6.03 18.35
N TYR A 22 6.46 5.85 17.33
CA TYR A 22 5.09 5.40 17.48
C TYR A 22 4.62 4.82 16.14
N PRO A 23 3.55 3.98 16.14
CA PRO A 23 2.89 3.60 14.89
C PRO A 23 2.54 4.87 14.11
N HIS A 24 2.76 4.83 12.78
CA HIS A 24 2.62 6.03 11.97
C HIS A 24 2.22 5.72 10.54
N ILE A 25 1.67 6.73 9.88
CA ILE A 25 1.48 6.67 8.44
C ILE A 25 2.56 7.51 7.79
N GLY A 26 2.95 7.16 6.54
CA GLY A 26 4.04 7.84 5.89
C GLY A 26 3.96 7.79 4.37
N ILE A 27 4.66 8.71 3.75
CA ILE A 27 4.77 8.74 2.30
C ILE A 27 6.20 8.39 1.91
N ASP A 28 6.36 7.33 1.11
CA ASP A 28 7.67 6.80 0.77
C ASP A 28 7.92 7.01 -0.72
N ILE A 29 8.92 7.84 -1.01
CA ILE A 29 9.37 8.06 -2.39
C ILE A 29 10.76 7.43 -2.54
N LYS A 30 10.77 6.22 -3.09
CA LYS A 30 11.99 5.50 -3.44
C LYS A 30 12.85 5.22 -2.21
N SER A 31 12.26 5.29 -1.02
CA SER A 31 12.98 4.96 0.20
C SER A 31 11.99 4.64 1.31
N VAL A 32 12.37 3.66 2.16
CA VAL A 32 11.57 3.28 3.31
C VAL A 32 11.59 4.41 4.35
N ARG A 33 12.60 5.30 4.25
CA ARG A 33 12.70 6.49 5.08
C ARG A 33 11.74 7.56 4.56
N SER A 34 10.51 7.50 5.08
CA SER A 34 9.40 8.34 4.67
C SER A 34 9.82 9.79 4.53
N LYS A 35 9.34 10.46 3.48
CA LYS A 35 9.60 11.87 3.29
C LYS A 35 8.73 12.69 4.25
N LYS A 36 7.63 12.07 4.69
CA LYS A 36 6.71 12.72 5.63
C LYS A 36 5.95 11.65 6.40
N THR A 37 5.67 11.89 7.68
CA THR A 37 4.90 10.98 8.51
C THR A 37 3.90 11.73 9.37
N ALA A 38 2.89 11.01 9.87
CA ALA A 38 2.03 11.48 10.93
C ALA A 38 1.78 10.32 11.89
N LYS A 39 1.63 10.61 13.18
CA LYS A 39 1.25 9.63 14.20
C LYS A 39 -0.05 8.96 13.81
N TRP A 40 -0.11 7.64 14.07
CA TRP A 40 -1.26 6.80 13.77
C TRP A 40 -1.61 5.95 14.98
N ASN A 41 -2.86 6.11 15.50
CA ASN A 41 -3.27 5.36 16.67
C ASN A 41 -3.93 4.07 16.19
N MET A 42 -3.07 3.14 15.80
CA MET A 42 -3.50 1.86 15.27
C MET A 42 -4.36 1.17 16.34
N GLN A 43 -5.35 0.40 15.88
CA GLN A 43 -6.23 -0.30 16.79
C GLN A 43 -6.17 -1.79 16.49
N ASN A 44 -5.44 -2.51 17.35
CA ASN A 44 -5.27 -3.95 17.26
C ASN A 44 -6.63 -4.65 17.17
N GLY A 45 -6.88 -5.36 16.07
CA GLY A 45 -8.10 -6.13 15.92
C GLY A 45 -9.27 -5.40 15.26
N LYS A 46 -9.16 -4.09 15.01
CA LYS A 46 -10.27 -3.36 14.41
C LYS A 46 -10.02 -3.17 12.91
N VAL A 47 -11.11 -2.97 12.20
CA VAL A 47 -11.06 -2.79 10.77
C VAL A 47 -10.83 -1.32 10.48
N GLY A 48 -9.69 -1.02 9.85
CA GLY A 48 -9.37 0.32 9.40
C GLY A 48 -9.63 0.52 7.91
N THR A 49 -9.65 1.81 7.50
CA THR A 49 -9.82 2.25 6.14
C THR A 49 -8.76 3.29 5.84
N ALA A 50 -8.03 3.06 4.73
CA ALA A 50 -7.07 4.00 4.19
C ALA A 50 -7.58 4.55 2.86
N HIS A 51 -7.32 5.85 2.65
CA HIS A 51 -7.62 6.57 1.43
C HIS A 51 -6.36 7.29 0.95
N ILE A 52 -6.05 7.13 -0.34
CA ILE A 52 -4.91 7.75 -0.98
C ILE A 52 -5.41 8.47 -2.24
N ILE A 53 -5.00 9.73 -2.37
CA ILE A 53 -5.37 10.58 -3.48
C ILE A 53 -4.15 11.32 -4.00
N TYR A 54 -4.22 11.66 -5.29
CA TYR A 54 -3.18 12.45 -5.93
C TYR A 54 -3.76 13.03 -7.22
N ASN A 55 -3.29 14.21 -7.63
CA ASN A 55 -3.49 14.58 -9.03
C ASN A 55 -2.31 15.39 -9.52
N SER A 56 -2.20 15.46 -10.86
CA SER A 56 -1.04 16.00 -11.55
C SER A 56 -1.06 17.52 -11.54
N VAL A 57 -2.16 18.13 -11.12
CA VAL A 57 -2.21 19.58 -11.07
C VAL A 57 -1.61 20.06 -9.75
N ASP A 58 -2.11 19.51 -8.65
CA ASP A 58 -1.60 19.86 -7.34
C ASP A 58 -0.27 19.16 -7.04
N LYS A 59 0.01 18.03 -7.68
CA LYS A 59 1.23 17.24 -7.42
C LYS A 59 1.45 17.07 -5.91
N ARG A 60 0.44 16.53 -5.25
CA ARG A 60 0.43 16.33 -3.81
C ARG A 60 -0.17 14.96 -3.53
N LEU A 61 0.60 14.11 -2.87
CA LEU A 61 0.15 12.78 -2.57
C LEU A 61 -0.32 12.80 -1.13
N SER A 62 -1.60 12.53 -0.91
CA SER A 62 -2.14 12.61 0.43
C SER A 62 -2.78 11.28 0.82
N ALA A 63 -2.80 11.04 2.13
CA ALA A 63 -3.48 9.86 2.64
C ALA A 63 -4.16 10.17 3.96
N VAL A 64 -5.20 9.37 4.22
CA VAL A 64 -6.03 9.49 5.41
C VAL A 64 -6.36 8.08 5.88
N VAL A 65 -6.18 7.81 7.17
CA VAL A 65 -6.48 6.50 7.72
C VAL A 65 -7.38 6.68 8.93
N SER A 66 -8.42 5.84 9.05
CA SER A 66 -9.40 5.99 10.11
C SER A 66 -9.92 4.63 10.55
N TYR A 67 -10.48 4.65 11.76
CA TYR A 67 -11.25 3.55 12.28
C TYR A 67 -12.60 4.14 12.68
N PRO A 68 -13.68 3.33 12.71
CA PRO A 68 -14.95 3.79 13.26
C PRO A 68 -14.76 4.32 14.70
N ASN A 69 -15.45 5.43 15.01
CA ASN A 69 -15.55 5.98 16.36
C ASN A 69 -14.26 6.67 16.80
N ALA A 70 -13.34 6.90 15.85
CA ALA A 70 -12.03 7.46 16.17
C ALA A 70 -11.67 8.58 15.20
N ASP A 71 -10.80 9.48 15.66
CA ASP A 71 -10.26 10.52 14.80
C ASP A 71 -9.41 9.85 13.75
N SER A 72 -9.18 10.55 12.65
CA SER A 72 -8.37 9.98 11.58
C SER A 72 -6.95 10.55 11.66
N ALA A 73 -6.00 9.90 10.99
CA ALA A 73 -4.66 10.42 10.78
C ALA A 73 -4.50 10.75 9.30
N THR A 74 -3.78 11.82 9.00
CA THR A 74 -3.59 12.24 7.62
C THR A 74 -2.12 12.60 7.45
N VAL A 75 -1.59 12.39 6.25
CA VAL A 75 -0.26 12.86 5.91
C VAL A 75 -0.25 13.23 4.42
N SER A 76 0.53 14.25 4.06
CA SER A 76 0.63 14.72 2.68
C SER A 76 2.08 14.99 2.30
N TYR A 77 2.39 14.86 1.02
CA TYR A 77 3.70 15.25 0.54
C TYR A 77 3.64 15.79 -0.88
N ASP A 78 4.21 16.99 -1.09
CA ASP A 78 4.39 17.54 -2.43
C ASP A 78 5.47 16.78 -3.20
N VAL A 79 5.03 16.17 -4.29
CA VAL A 79 5.87 15.42 -5.20
C VAL A 79 5.18 15.35 -6.56
N ASP A 80 5.97 15.55 -7.60
CA ASP A 80 5.52 15.33 -8.95
C ASP A 80 5.84 13.89 -9.36
N LEU A 81 4.79 13.05 -9.46
CA LEU A 81 4.98 11.62 -9.64
C LEU A 81 5.47 11.29 -11.06
N ASP A 82 5.33 12.22 -12.00
CA ASP A 82 5.84 12.04 -13.34
C ASP A 82 7.37 12.14 -13.40
N ASN A 83 7.97 12.64 -12.30
CA ASN A 83 9.41 12.75 -12.16
C ASN A 83 9.97 11.60 -11.34
N VAL A 84 9.11 10.70 -10.86
CA VAL A 84 9.56 9.62 -10.01
C VAL A 84 9.26 8.29 -10.69
N LEU A 85 8.02 8.15 -11.18
CA LEU A 85 7.51 6.89 -11.70
C LEU A 85 7.58 6.91 -13.22
N PRO A 86 7.65 5.72 -13.88
CA PRO A 86 7.47 5.64 -15.32
C PRO A 86 6.00 5.87 -15.70
N GLU A 87 5.74 6.00 -17.00
CA GLU A 87 4.44 6.43 -17.48
C GLU A 87 3.42 5.29 -17.39
N TRP A 88 3.91 4.04 -17.41
CA TRP A 88 3.13 2.84 -17.13
C TRP A 88 3.64 2.20 -15.85
N VAL A 89 2.71 1.87 -14.95
CA VAL A 89 3.05 1.32 -13.63
C VAL A 89 2.10 0.18 -13.31
N ARG A 90 2.39 -0.53 -12.23
CA ARG A 90 1.40 -1.38 -11.59
C ARG A 90 1.16 -0.82 -10.21
N VAL A 91 -0.02 -1.11 -9.66
CA VAL A 91 -0.40 -0.67 -8.33
C VAL A 91 -0.67 -1.89 -7.47
N GLY A 92 -0.39 -1.77 -6.17
CA GLY A 92 -0.44 -2.94 -5.33
C GLY A 92 -0.55 -2.63 -3.85
N LEU A 93 -0.72 -3.72 -3.08
CA LEU A 93 -0.61 -3.73 -1.64
C LEU A 93 0.52 -4.68 -1.23
N SER A 94 1.20 -4.32 -0.15
CA SER A 94 2.32 -5.07 0.37
C SER A 94 2.24 -5.04 1.88
N ALA A 95 2.78 -6.06 2.52
CA ALA A 95 2.83 -6.12 3.97
C ALA A 95 3.93 -7.08 4.41
N SER A 96 4.34 -6.96 5.67
CA SER A 96 5.40 -7.78 6.19
C SER A 96 5.27 -7.95 7.70
N THR A 97 5.92 -9.02 8.15
CA THR A 97 6.18 -9.31 9.55
C THR A 97 7.68 -9.65 9.64
N GLY A 98 8.20 -9.60 10.86
CA GLY A 98 9.59 -9.85 11.15
C GLY A 98 9.71 -10.78 12.34
N LEU A 99 10.47 -10.37 13.36
CA LEU A 99 10.45 -11.10 14.62
C LEU A 99 9.23 -10.66 15.45
N TYR A 100 8.65 -9.51 15.10
CA TYR A 100 7.33 -9.17 15.60
C TYR A 100 6.30 -9.32 14.46
N LYS A 101 5.02 -9.50 14.82
CA LYS A 101 4.07 -9.98 13.82
C LYS A 101 2.65 -9.47 14.04
N GLU A 102 1.82 -9.70 13.02
CA GLU A 102 0.42 -9.28 12.97
C GLU A 102 -0.18 -9.92 11.73
N THR A 103 -1.50 -10.07 11.71
CA THR A 103 -2.24 -10.30 10.47
C THR A 103 -2.16 -9.05 9.59
N ASN A 104 -2.01 -9.24 8.27
CA ASN A 104 -2.08 -8.14 7.32
C ASN A 104 -3.22 -8.43 6.35
N THR A 105 -4.43 -8.40 6.88
CA THR A 105 -5.62 -8.83 6.16
C THR A 105 -6.27 -7.62 5.47
N ILE A 106 -6.50 -7.78 4.17
CA ILE A 106 -7.20 -6.82 3.34
C ILE A 106 -8.61 -7.35 3.10
N LEU A 107 -9.62 -6.55 3.44
CA LEU A 107 -11.02 -6.94 3.29
C LEU A 107 -11.62 -6.38 2.00
N SER A 108 -11.08 -5.25 1.54
CA SER A 108 -11.57 -4.62 0.34
C SER A 108 -10.49 -3.73 -0.25
N TRP A 109 -10.51 -3.56 -1.57
CA TRP A 109 -9.51 -2.72 -2.22
C TRP A 109 -10.12 -2.14 -3.49
N SER A 110 -10.06 -0.81 -3.64
CA SER A 110 -10.51 -0.15 -4.86
C SER A 110 -9.49 0.90 -5.31
N PHE A 111 -9.48 1.14 -6.63
CA PHE A 111 -8.54 2.03 -7.30
C PHE A 111 -9.24 2.67 -8.52
N THR A 112 -8.95 3.94 -8.78
CA THR A 112 -9.39 4.67 -9.95
C THR A 112 -8.26 5.56 -10.41
N SER A 113 -7.86 5.43 -11.68
CA SER A 113 -6.96 6.37 -12.32
C SER A 113 -7.66 6.97 -13.54
N LYS A 114 -7.41 8.25 -13.80
CA LYS A 114 -7.98 8.97 -14.93
C LYS A 114 -6.90 9.83 -15.58
N LEU A 115 -6.84 9.74 -16.91
CA LEU A 115 -6.06 10.61 -17.77
C LEU A 115 -7.03 11.38 -18.65
N LYS A 116 -7.06 12.70 -18.48
CA LYS A 116 -7.92 13.55 -19.26
C LYS A 116 -7.04 14.41 -20.17
N SER A 117 -7.29 14.32 -21.48
CA SER A 117 -6.49 15.05 -22.48
C SER A 117 -7.22 16.31 -22.89
N ASN A 118 -6.63 17.11 -23.78
CA ASN A 118 -7.24 18.33 -24.28
C ASN A 118 -8.18 18.04 -25.46
N SER A 119 -8.32 16.76 -25.86
CA SER A 119 -9.34 16.38 -26.82
C SER A 119 -10.73 16.54 -26.19
N THR A 120 -11.70 17.07 -26.93
CA THR A 120 -13.06 17.17 -26.42
C THR A 120 -13.64 15.78 -26.16
N HIS A 121 -14.10 15.55 -24.92
CA HIS A 121 -14.68 14.29 -24.47
C HIS A 121 -13.65 13.17 -24.59
N GLU A 122 -12.54 13.28 -23.85
CA GLU A 122 -11.44 12.36 -24.01
C GLU A 122 -10.76 12.09 -22.65
N THR A 123 -11.38 11.20 -21.88
CA THR A 123 -10.83 10.63 -20.66
C THR A 123 -10.43 9.18 -20.93
N ASN A 124 -9.25 8.79 -20.45
CA ASN A 124 -8.95 7.39 -20.27
C ASN A 124 -9.06 7.11 -18.77
N ALA A 125 -9.56 5.92 -18.41
CA ALA A 125 -9.84 5.63 -17.02
C ALA A 125 -9.73 4.14 -16.73
N LEU A 126 -9.28 3.82 -15.51
CA LEU A 126 -9.32 2.48 -14.96
C LEU A 126 -9.86 2.55 -13.55
N HIS A 127 -10.78 1.62 -13.26
CA HIS A 127 -11.33 1.45 -11.93
C HIS A 127 -11.45 -0.05 -11.63
N PHE A 128 -10.98 -0.46 -10.48
CA PHE A 128 -11.38 -1.76 -9.98
C PHE A 128 -11.80 -1.65 -8.53
N MET A 129 -12.59 -2.63 -8.10
CA MET A 129 -13.03 -2.72 -6.71
C MET A 129 -13.21 -4.19 -6.35
N PHE A 130 -12.53 -4.61 -5.27
CA PHE A 130 -12.66 -5.94 -4.72
C PHE A 130 -13.25 -5.79 -3.33
N ASN A 131 -14.46 -6.33 -3.11
CA ASN A 131 -14.98 -6.45 -1.76
C ASN A 131 -14.85 -7.89 -1.29
N GLN A 132 -14.58 -8.77 -2.23
CA GLN A 132 -14.56 -10.20 -1.99
C GLN A 132 -13.47 -10.78 -2.88
N PHE A 133 -12.45 -11.36 -2.25
CA PHE A 133 -11.35 -12.01 -2.94
C PHE A 133 -11.65 -13.50 -3.05
N SER A 134 -11.22 -14.12 -4.14
CA SER A 134 -11.49 -15.54 -4.34
C SER A 134 -10.20 -16.31 -4.48
N LYS A 135 -10.25 -17.63 -4.22
CA LYS A 135 -9.10 -18.53 -4.29
C LYS A 135 -8.29 -18.29 -5.55
N ASP A 136 -8.94 -18.23 -6.71
CA ASP A 136 -8.18 -18.11 -7.94
C ASP A 136 -8.49 -16.76 -8.58
N GLN A 137 -7.85 -15.71 -8.05
CA GLN A 137 -8.10 -14.34 -8.45
C GLN A 137 -7.21 -13.92 -9.61
N LYS A 138 -7.70 -14.14 -10.85
CA LYS A 138 -6.85 -13.99 -12.02
C LYS A 138 -6.52 -12.53 -12.39
N ASP A 139 -7.21 -11.54 -11.81
CA ASP A 139 -6.87 -10.15 -12.08
C ASP A 139 -5.95 -9.60 -11.00
N LEU A 140 -5.45 -10.46 -10.09
CA LEU A 140 -4.38 -10.09 -9.16
C LEU A 140 -3.14 -10.94 -9.42
N ILE A 141 -1.97 -10.32 -9.26
CA ILE A 141 -0.70 -11.02 -9.15
C ILE A 141 -0.32 -11.08 -7.67
N LEU A 142 -0.20 -12.30 -7.15
CA LEU A 142 0.15 -12.53 -5.76
C LEU A 142 1.64 -12.84 -5.77
N GLN A 143 2.39 -12.27 -4.82
CA GLN A 143 3.82 -12.50 -4.72
C GLN A 143 4.17 -12.86 -3.28
N GLY A 144 5.19 -13.69 -3.09
CA GLY A 144 5.60 -14.08 -1.75
C GLY A 144 4.49 -14.87 -1.05
N ASP A 145 4.13 -14.51 0.17
CA ASP A 145 3.21 -15.31 0.95
C ASP A 145 1.74 -14.89 0.76
N ALA A 146 1.45 -13.96 -0.16
CA ALA A 146 0.09 -13.46 -0.30
C ALA A 146 -0.84 -14.56 -0.79
N THR A 147 -2.04 -14.65 -0.21
CA THR A 147 -3.05 -15.58 -0.69
C THR A 147 -4.41 -14.92 -0.65
N THR A 148 -5.34 -15.43 -1.46
CA THR A 148 -6.72 -14.97 -1.50
C THR A 148 -7.68 -16.10 -1.15
N GLY A 149 -8.87 -15.74 -0.65
CA GLY A 149 -10.03 -16.61 -0.74
C GLY A 149 -10.58 -17.12 0.59
N THR A 150 -9.74 -17.16 1.63
CA THR A 150 -10.21 -17.57 2.94
C THR A 150 -10.96 -16.39 3.57
N ASP A 151 -12.25 -16.59 3.85
CA ASP A 151 -13.18 -15.55 4.32
C ASP A 151 -13.29 -14.41 3.32
N GLY A 152 -13.08 -14.69 2.02
CA GLY A 152 -13.12 -13.68 0.98
C GLY A 152 -12.11 -12.54 1.18
N ASN A 153 -11.00 -12.83 1.87
CA ASN A 153 -10.05 -11.79 2.18
C ASN A 153 -8.75 -12.05 1.43
N LEU A 154 -7.93 -11.00 1.36
CA LEU A 154 -6.57 -11.14 0.89
C LEU A 154 -5.66 -11.09 2.12
N GLU A 155 -5.00 -12.22 2.43
CA GLU A 155 -4.03 -12.30 3.51
C GLU A 155 -2.64 -12.06 2.91
N LEU A 156 -2.13 -10.84 3.10
CA LEU A 156 -0.86 -10.42 2.53
C LEU A 156 0.29 -11.20 3.15
N THR A 157 0.20 -11.51 4.44
CA THR A 157 1.23 -12.27 5.13
C THR A 157 0.60 -13.52 5.75
N ARG A 158 1.47 -14.46 6.10
CA ARG A 158 1.10 -15.83 6.41
C ARG A 158 0.36 -15.89 7.74
N VAL A 159 -0.70 -16.71 7.76
CA VAL A 159 -1.51 -16.94 8.95
C VAL A 159 -1.79 -18.44 9.03
N SER A 160 -1.78 -19.01 10.23
CA SER A 160 -2.08 -20.42 10.45
C SER A 160 -3.58 -20.66 10.29
N SER A 161 -3.98 -21.93 10.18
CA SER A 161 -5.38 -22.30 10.12
C SER A 161 -6.17 -21.74 11.29
N ASN A 162 -5.59 -21.77 12.50
CA ASN A 162 -6.24 -21.25 13.69
C ASN A 162 -6.24 -19.73 13.68
N GLY A 163 -5.48 -19.11 12.76
CA GLY A 163 -5.61 -17.68 12.48
C GLY A 163 -4.52 -16.81 13.12
N SER A 164 -3.48 -17.43 13.70
CA SER A 164 -2.41 -16.65 14.28
C SER A 164 -1.36 -16.29 13.23
N PRO A 165 -0.99 -14.99 13.16
CA PRO A 165 -0.03 -14.51 12.17
C PRO A 165 1.33 -15.14 12.43
N GLN A 166 2.10 -15.27 11.36
CA GLN A 166 3.43 -15.84 11.40
C GLN A 166 4.42 -14.71 11.18
N GLY A 167 5.58 -14.82 11.83
CA GLY A 167 6.66 -13.86 11.64
C GLY A 167 7.45 -14.14 10.37
N SER A 168 8.36 -13.24 10.03
CA SER A 168 9.28 -13.35 8.92
C SER A 168 8.55 -13.66 7.62
N SER A 169 7.39 -13.02 7.44
CA SER A 169 6.55 -13.25 6.28
C SER A 169 6.49 -11.96 5.45
N VAL A 170 6.29 -12.12 4.14
CA VAL A 170 6.20 -10.99 3.23
C VAL A 170 5.34 -11.40 2.04
N GLY A 171 4.46 -10.48 1.62
CA GLY A 171 3.51 -10.77 0.56
C GLY A 171 2.99 -9.50 -0.08
N ARG A 172 2.72 -9.56 -1.39
CA ARG A 172 2.15 -8.45 -2.12
C ARG A 172 1.06 -8.97 -3.05
N ALA A 173 0.17 -8.03 -3.48
CA ALA A 173 -0.83 -8.27 -4.50
C ALA A 173 -0.83 -7.06 -5.42
N LEU A 174 -0.63 -7.29 -6.72
CA LEU A 174 -0.69 -6.23 -7.71
C LEU A 174 -1.85 -6.44 -8.68
N PHE A 175 -2.52 -5.34 -9.08
CA PHE A 175 -3.58 -5.50 -10.05
C PHE A 175 -2.93 -5.94 -11.36
N TYR A 176 -3.60 -6.84 -12.10
CA TYR A 176 -3.02 -7.53 -13.24
C TYR A 176 -2.65 -6.56 -14.36
N ALA A 177 -3.56 -5.63 -14.63
CA ALA A 177 -3.40 -4.67 -15.71
C ALA A 177 -2.46 -3.54 -15.31
N PRO A 178 -1.49 -3.19 -16.19
CA PRO A 178 -0.75 -1.94 -16.07
C PRO A 178 -1.69 -0.73 -16.12
N VAL A 179 -1.26 0.34 -15.46
CA VAL A 179 -2.03 1.56 -15.30
C VAL A 179 -1.21 2.67 -15.94
N HIS A 180 -1.89 3.64 -16.57
CA HIS A 180 -1.26 4.71 -17.34
C HIS A 180 -1.46 5.99 -16.55
N ILE A 181 -0.36 6.53 -16.01
CA ILE A 181 -0.45 7.67 -15.11
C ILE A 181 0.02 8.95 -15.80
N TRP A 182 0.55 8.83 -17.03
CA TRP A 182 0.90 10.00 -17.81
C TRP A 182 0.66 9.71 -19.29
N GLU A 183 0.22 10.72 -20.03
CA GLU A 183 0.28 10.72 -21.48
C GLU A 183 0.58 12.15 -21.91
N SER A 184 1.09 12.30 -23.13
CA SER A 184 1.65 13.57 -23.55
C SER A 184 0.56 14.64 -23.70
N SER A 185 -0.66 14.25 -24.02
CA SER A 185 -1.72 15.23 -24.21
C SER A 185 -2.57 15.43 -22.96
N ALA A 186 -2.17 14.83 -21.83
CA ALA A 186 -2.98 14.88 -20.63
C ALA A 186 -2.98 16.29 -20.09
N VAL A 187 -4.14 16.83 -19.70
CA VAL A 187 -4.16 18.10 -18.98
C VAL A 187 -4.44 17.88 -17.50
N VAL A 188 -5.04 16.76 -17.12
CA VAL A 188 -5.05 16.39 -15.72
C VAL A 188 -5.04 14.87 -15.57
N ALA A 189 -4.17 14.38 -14.68
CA ALA A 189 -4.12 12.97 -14.33
C ALA A 189 -4.35 12.86 -12.82
N SER A 190 -5.13 11.85 -12.44
CA SER A 190 -5.43 11.62 -11.04
C SER A 190 -5.48 10.13 -10.75
N PHE A 191 -5.26 9.78 -9.49
CA PHE A 191 -5.56 8.45 -9.01
C PHE A 191 -6.09 8.55 -7.59
N GLU A 192 -6.86 7.55 -7.21
CA GLU A 192 -7.25 7.37 -5.83
C GLU A 192 -7.29 5.88 -5.55
N ALA A 193 -6.97 5.53 -4.29
CA ALA A 193 -7.03 4.16 -3.80
C ALA A 193 -7.67 4.17 -2.42
N THR A 194 -8.52 3.16 -2.16
CA THR A 194 -9.07 2.91 -0.84
C THR A 194 -8.83 1.44 -0.50
N PHE A 195 -8.55 1.15 0.77
CA PHE A 195 -8.50 -0.23 1.20
C PHE A 195 -8.93 -0.31 2.65
N THR A 196 -9.59 -1.42 2.99
CA THR A 196 -9.91 -1.73 4.38
C THR A 196 -9.11 -2.95 4.79
N PHE A 197 -8.66 -2.93 6.05
CA PHE A 197 -7.63 -3.81 6.54
C PHE A 197 -7.93 -4.11 8.01
N LEU A 198 -7.41 -5.27 8.44
CA LEU A 198 -7.56 -5.75 9.79
C LEU A 198 -6.19 -6.28 10.20
N ILE A 199 -5.49 -5.47 10.99
CA ILE A 199 -4.23 -5.82 11.61
C ILE A 199 -4.54 -6.25 13.04
N LYS A 200 -4.19 -7.52 13.32
CA LYS A 200 -4.35 -8.10 14.64
C LYS A 200 -3.07 -8.86 15.03
N SER A 201 -2.68 -8.68 16.28
CA SER A 201 -1.55 -9.39 16.84
C SER A 201 -1.91 -9.89 18.23
N PRO A 202 -1.42 -11.09 18.60
CA PRO A 202 -1.42 -11.55 20.00
C PRO A 202 -0.53 -10.70 20.89
N ASP A 203 0.33 -9.88 20.28
CA ASP A 203 1.42 -9.19 20.95
C ASP A 203 1.13 -7.69 21.12
N SER A 204 1.76 -7.12 22.16
CA SER A 204 1.65 -5.71 22.50
C SER A 204 2.36 -4.84 21.47
N HIS A 205 3.36 -5.43 20.78
CA HIS A 205 4.11 -4.72 19.77
C HIS A 205 3.90 -5.41 18.42
N PRO A 206 2.90 -5.04 17.61
CA PRO A 206 2.75 -5.64 16.30
C PRO A 206 3.78 -5.10 15.30
N ALA A 207 3.99 -5.86 14.23
CA ALA A 207 4.89 -5.46 13.15
C ALA A 207 4.49 -6.22 11.90
N ASP A 208 4.78 -5.69 10.71
CA ASP A 208 5.53 -4.45 10.51
C ASP A 208 4.70 -3.37 9.84
N GLY A 209 3.65 -3.78 9.11
CA GLY A 209 2.74 -2.84 8.48
C GLY A 209 2.24 -3.30 7.11
N ILE A 210 1.48 -2.39 6.49
CA ILE A 210 0.86 -2.56 5.19
C ILE A 210 1.15 -1.29 4.38
N ALA A 211 1.41 -1.46 3.07
CA ALA A 211 1.59 -0.30 2.20
C ALA A 211 0.75 -0.46 0.95
N PHE A 212 0.17 0.65 0.45
CA PHE A 212 -0.27 0.73 -0.93
C PHE A 212 0.91 1.24 -1.72
N PHE A 213 1.19 0.62 -2.87
CA PHE A 213 2.33 1.11 -3.62
C PHE A 213 2.05 1.17 -5.12
N ILE A 214 2.88 1.98 -5.77
CA ILE A 214 2.93 2.08 -7.21
C ILE A 214 4.37 1.82 -7.62
N SER A 215 4.56 1.01 -8.66
CA SER A 215 5.86 0.53 -9.07
C SER A 215 5.95 0.45 -10.60
N ASN A 216 7.20 0.27 -11.09
CA ASN A 216 7.42 -0.26 -12.42
C ASN A 216 6.65 -1.57 -12.55
N ILE A 217 6.21 -1.91 -13.77
CA ILE A 217 5.23 -2.97 -13.97
C ILE A 217 5.82 -4.35 -13.66
N ASP A 218 7.15 -4.50 -13.71
CA ASP A 218 7.80 -5.79 -13.52
C ASP A 218 8.26 -5.97 -12.07
N SER A 219 7.71 -5.18 -11.14
CA SER A 219 8.19 -5.12 -9.77
C SER A 219 7.99 -6.49 -9.06
N SER A 220 9.02 -6.90 -8.31
CA SER A 220 8.97 -8.11 -7.51
C SER A 220 9.45 -7.81 -6.08
N ILE A 221 9.07 -8.65 -5.14
CA ILE A 221 9.49 -8.51 -3.74
C ILE A 221 11.02 -8.51 -3.72
N PRO A 222 11.71 -7.44 -3.26
CA PRO A 222 13.16 -7.47 -3.08
C PRO A 222 13.62 -8.46 -2.02
N SER A 223 14.82 -9.02 -2.23
CA SER A 223 15.45 -9.92 -1.28
C SER A 223 15.56 -9.25 0.08
N GLY A 224 15.25 -10.02 1.11
CA GLY A 224 15.45 -9.60 2.50
C GLY A 224 14.51 -8.49 2.95
N SER A 225 13.33 -8.37 2.31
CA SER A 225 12.44 -7.24 2.53
C SER A 225 11.27 -7.65 3.45
N THR A 226 11.53 -8.67 4.28
CA THR A 226 10.67 -8.92 5.42
C THR A 226 10.88 -7.81 6.44
N GLY A 227 10.06 -7.83 7.49
CA GLY A 227 10.16 -6.91 8.61
C GLY A 227 10.03 -5.45 8.19
N ARG A 228 11.04 -4.65 8.55
CA ARG A 228 10.94 -3.21 8.55
C ARG A 228 10.89 -2.66 7.12
N LEU A 229 11.20 -3.49 6.11
CA LEU A 229 11.27 -3.00 4.75
C LEU A 229 9.97 -3.22 3.96
N LEU A 230 8.96 -3.85 4.57
CA LEU A 230 7.55 -3.79 4.17
C LEU A 230 7.29 -4.45 2.80
N GLY A 231 8.21 -5.32 2.38
CA GLY A 231 8.13 -5.97 1.08
C GLY A 231 8.33 -5.01 -0.08
N LEU A 232 8.86 -3.81 0.19
CA LEU A 232 8.96 -2.76 -0.81
C LEU A 232 10.41 -2.51 -1.26
N PHE A 233 11.35 -2.56 -0.30
CA PHE A 233 12.67 -2.00 -0.51
C PHE A 233 13.73 -3.07 -0.23
N PRO A 234 14.87 -3.00 -0.98
CA PRO A 234 15.97 -3.96 -0.82
C PRO A 234 16.85 -3.58 0.37
N ASP A 235 16.73 -2.35 0.85
CA ASP A 235 17.52 -1.90 1.96
C ASP A 235 16.83 -0.67 2.56
N ALA A 236 17.47 -0.05 3.57
CA ALA A 236 16.91 1.05 4.34
C ALA A 236 17.53 2.40 3.99
N ASN A 237 18.18 2.51 2.82
CA ASN A 237 18.75 3.77 2.36
C ASN A 237 17.62 4.78 2.13
C1 GOL B . 10.44 -6.84 13.31
O1 GOL B . 9.16 -7.41 13.03
C2 GOL B . 10.35 -5.55 14.10
O2 GOL B . 11.41 -5.49 15.04
C3 GOL B . 10.40 -4.31 13.26
O3 GOL B . 11.06 -4.51 12.01
C1 GOL C . -14.15 15.28 -19.17
O1 GOL C . -13.94 14.45 -18.03
C2 GOL C . -13.33 14.89 -20.39
O2 GOL C . -14.05 15.23 -21.58
C3 GOL C . -11.97 15.51 -20.47
O3 GOL C . -11.22 14.96 -21.57
C1 GOL D . -11.62 6.28 20.54
O1 GOL D . -12.03 7.33 19.65
C2 GOL D . -11.48 4.91 19.90
O2 GOL D . -10.49 4.17 20.61
C3 GOL D . -12.75 4.08 19.84
O3 GOL D . -13.18 3.59 21.11
C5 ROR E . -5.56 1.55 -16.93
O5 ROR E . -5.11 0.25 -17.32
C4 ROR E . -5.05 2.70 -17.79
O4 ROR E . -4.59 3.61 -16.80
C3 ROR E . -6.11 3.39 -18.66
O3 ROR E . -7.29 2.57 -18.67
C2 ROR E . -5.84 3.70 -20.15
O2 ROR E . -5.21 2.56 -20.68
C1 ROR E . -5.01 4.95 -20.41
O1 ROR E . -4.39 5.18 -21.45
CA CA F . 8.69 0.47 10.86
MN MN G . 7.96 4.02 8.89
S SO4 H . 12.43 6.06 21.72
O1 SO4 H . 13.22 7.27 21.76
O2 SO4 H . 11.82 5.93 20.42
O3 SO4 H . 13.29 4.92 21.96
O4 SO4 H . 11.40 6.13 22.73
S SO4 I . 9.07 5.92 -18.79
O1 SO4 I . 9.15 7.29 -18.31
O2 SO4 I . 9.31 5.89 -20.22
O3 SO4 I . 10.06 5.10 -18.14
O4 SO4 I . 7.74 5.43 -18.52
#